data_1B6D
#
_entry.id   1B6D
#
_cell.length_a   91.600
_cell.length_b   129.200
_cell.length_c   86.600
_cell.angle_alpha   90.00
_cell.angle_beta   90.00
_cell.angle_gamma   90.00
#
_symmetry.space_group_name_H-M   'C 2 2 21'
#
loop_
_entity.id
_entity.type
_entity.pdbx_description
1 polymer IMMUNOGLOBULIN
2 water water
#
_entity_poly.entity_id   1
_entity_poly.type   'polypeptide(L)'
_entity_poly.pdbx_seq_one_letter_code
;DIQMTQSPSSLSASVGDRVTITCQASQDISSYLNWYQQKPGKAPKLLIHAASSLETGVPSRFSGSGSGTDFSFTISSLQP
EDLATYYCQQYDSLPLTFGGGTKVEIKRTVAAPSVFIFPPSDEQLKSGTASVVCLLNNFYPREAKVQWKVDNALQSGNSQ
ESVTEQDSKDSTYSLSSTLTLSKADYEKHKVYACEVTHQGLSSPVTKSFNRG
;
_entity_poly.pdbx_strand_id   A,B
#
# COMPACT_ATOMS: atom_id res chain seq x y z
N ASP A 1 -27.31 15.30 5.65
CA ASP A 1 -26.53 15.46 4.39
C ASP A 1 -27.09 14.48 3.37
N ILE A 2 -26.43 14.35 2.22
CA ILE A 2 -26.89 13.40 1.21
C ILE A 2 -26.13 12.13 1.45
N GLN A 3 -26.83 11.05 1.73
CA GLN A 3 -26.19 9.79 1.98
C GLN A 3 -25.97 9.06 0.67
N MET A 4 -24.76 8.55 0.46
CA MET A 4 -24.46 7.80 -0.76
C MET A 4 -24.30 6.32 -0.39
N THR A 5 -25.18 5.49 -0.92
CA THR A 5 -25.17 4.05 -0.65
C THR A 5 -24.61 3.25 -1.82
N GLN A 6 -23.40 2.72 -1.65
CA GLN A 6 -22.75 1.96 -2.71
C GLN A 6 -22.89 0.47 -2.54
N SER A 7 -22.89 -0.26 -3.63
CA SER A 7 -23.03 -1.70 -3.58
C SER A 7 -22.41 -2.40 -4.79
N PRO A 8 -21.80 -3.59 -4.58
CA PRO A 8 -21.64 -4.36 -3.34
C PRO A 8 -20.47 -3.83 -2.53
N SER A 9 -20.20 -4.44 -1.37
CA SER A 9 -19.09 -4.01 -0.53
C SER A 9 -17.78 -4.49 -1.14
N SER A 10 -17.82 -5.68 -1.73
CA SER A 10 -16.65 -6.23 -2.38
C SER A 10 -17.17 -7.28 -3.33
N LEU A 11 -16.32 -7.74 -4.24
CA LEU A 11 -16.73 -8.75 -5.21
C LEU A 11 -15.51 -9.30 -5.88
N SER A 12 -15.64 -10.55 -6.34
CA SER A 12 -14.55 -11.21 -7.06
C SER A 12 -15.10 -11.70 -8.41
N ALA A 13 -14.35 -11.44 -9.47
CA ALA A 13 -14.76 -11.82 -10.80
C ALA A 13 -13.52 -12.16 -11.59
N SER A 14 -13.69 -12.97 -12.63
CA SER A 14 -12.56 -13.38 -13.47
C SER A 14 -12.17 -12.26 -14.41
N VAL A 15 -10.93 -12.26 -14.90
CA VAL A 15 -10.53 -11.21 -15.82
C VAL A 15 -11.26 -11.44 -17.14
N GLY A 16 -11.89 -10.39 -17.65
CA GLY A 16 -12.66 -10.50 -18.88
C GLY A 16 -14.12 -10.30 -18.51
N ASP A 17 -14.46 -10.46 -17.24
CA ASP A 17 -15.83 -10.30 -16.80
C ASP A 17 -16.27 -8.85 -16.71
N ARG A 18 -17.56 -8.63 -16.91
CA ARG A 18 -18.14 -7.31 -16.80
C ARG A 18 -18.38 -7.09 -15.32
N VAL A 19 -18.08 -5.90 -14.83
CA VAL A 19 -18.29 -5.59 -13.42
C VAL A 19 -19.19 -4.37 -13.32
N THR A 20 -20.22 -4.48 -12.49
CA THR A 20 -21.17 -3.39 -12.30
C THR A 20 -21.31 -3.06 -10.81
N ILE A 21 -21.13 -1.78 -10.50
CA ILE A 21 -21.19 -1.25 -9.13
C ILE A 21 -22.28 -0.19 -9.16
N THR A 22 -23.08 -0.08 -8.10
CA THR A 22 -24.12 0.94 -8.08
C THR A 22 -24.02 1.91 -6.90
N CYS A 23 -24.66 3.07 -7.05
CA CYS A 23 -24.72 4.09 -6.04
C CYS A 23 -26.07 4.76 -6.07
N GLN A 24 -26.58 5.08 -4.89
CA GLN A 24 -27.85 5.76 -4.77
C GLN A 24 -27.65 6.90 -3.80
N ALA A 25 -28.22 8.05 -4.12
CA ALA A 25 -28.11 9.22 -3.27
C ALA A 25 -29.40 9.27 -2.46
N SER A 26 -29.33 9.86 -1.28
CA SER A 26 -30.51 9.96 -0.44
C SER A 26 -31.56 10.85 -1.10
N GLN A 27 -31.11 11.71 -2.02
CA GLN A 27 -31.98 12.64 -2.74
C GLN A 27 -31.43 12.93 -4.14
N ASP A 28 -32.29 13.44 -5.02
CA ASP A 28 -31.90 13.75 -6.38
C ASP A 28 -30.66 14.63 -6.42
N ILE A 29 -29.56 14.11 -6.98
CA ILE A 29 -28.30 14.87 -7.09
C ILE A 29 -28.02 15.16 -8.56
N SER A 30 -29.07 15.07 -9.37
CA SER A 30 -28.98 15.32 -10.80
C SER A 30 -27.90 14.41 -11.38
N SER A 31 -26.97 14.93 -12.16
CA SER A 31 -25.92 14.11 -12.75
C SER A 31 -24.58 14.38 -12.05
N TYR A 32 -24.63 15.05 -10.91
CA TYR A 32 -23.42 15.41 -10.18
C TYR A 32 -22.77 14.29 -9.36
N LEU A 33 -22.27 13.28 -10.05
CA LEU A 33 -21.64 12.14 -9.40
C LEU A 33 -20.32 11.82 -10.09
N ASN A 34 -19.28 11.54 -9.30
CA ASN A 34 -17.95 11.18 -9.80
C ASN A 34 -17.60 9.76 -9.38
N TRP A 35 -16.75 9.10 -10.14
CA TRP A 35 -16.31 7.76 -9.80
C TRP A 35 -14.77 7.77 -9.70
N TYR A 36 -14.25 7.33 -8.55
CA TYR A 36 -12.80 7.25 -8.34
C TYR A 36 -12.32 5.82 -8.25
N GLN A 37 -11.03 5.62 -8.53
CA GLN A 37 -10.38 4.32 -8.44
C GLN A 37 -9.26 4.52 -7.43
N GLN A 38 -9.24 3.70 -6.39
CA GLN A 38 -8.19 3.82 -5.39
C GLN A 38 -7.35 2.54 -5.33
N LYS A 39 -6.23 2.57 -6.04
CA LYS A 39 -5.32 1.44 -6.05
C LYS A 39 -4.82 1.29 -4.63
N PRO A 40 -4.35 0.09 -4.27
CA PRO A 40 -3.85 -0.11 -2.91
C PRO A 40 -2.71 0.83 -2.52
N GLY A 41 -2.95 1.65 -1.51
CA GLY A 41 -1.95 2.59 -1.01
C GLY A 41 -1.70 3.85 -1.82
N LYS A 42 -2.61 4.18 -2.72
CA LYS A 42 -2.44 5.36 -3.55
C LYS A 42 -3.60 6.30 -3.34
N ALA A 43 -3.47 7.53 -3.83
CA ALA A 43 -4.53 8.53 -3.74
C ALA A 43 -5.58 8.13 -4.76
N PRO A 44 -6.85 8.50 -4.53
CA PRO A 44 -7.91 8.15 -5.48
C PRO A 44 -7.73 8.89 -6.82
N LYS A 45 -8.09 8.24 -7.92
CA LYS A 45 -7.96 8.82 -9.26
C LYS A 45 -9.35 8.95 -9.90
N LEU A 46 -9.65 10.11 -10.48
CA LEU A 46 -10.95 10.34 -11.13
C LEU A 46 -11.06 9.58 -12.44
N LEU A 47 -12.12 8.82 -12.60
CA LEU A 47 -12.32 8.05 -13.83
C LEU A 47 -13.46 8.62 -14.65
N ILE A 48 -14.53 8.95 -13.96
CA ILE A 48 -15.74 9.45 -14.56
C ILE A 48 -16.26 10.65 -13.81
N HIS A 49 -16.60 11.69 -14.57
CA HIS A 49 -17.13 12.92 -14.03
C HIS A 49 -18.55 13.15 -14.53
N ALA A 50 -19.34 13.93 -13.80
CA ALA A 50 -20.72 14.21 -14.18
C ALA A 50 -21.48 12.97 -14.66
N ALA A 51 -21.44 11.92 -13.84
CA ALA A 51 -22.13 10.66 -14.11
C ALA A 51 -21.63 9.81 -15.24
N SER A 52 -21.26 10.41 -16.36
CA SER A 52 -20.81 9.64 -17.52
C SER A 52 -19.63 10.14 -18.36
N SER A 53 -19.07 11.30 -18.05
CA SER A 53 -17.95 11.81 -18.83
C SER A 53 -16.64 11.10 -18.47
N LEU A 54 -16.16 10.24 -19.36
CA LEU A 54 -14.92 9.51 -19.13
C LEU A 54 -13.74 10.43 -19.28
N GLU A 55 -12.92 10.55 -18.24
CA GLU A 55 -11.74 11.40 -18.32
C GLU A 55 -10.74 10.87 -19.36
N THR A 56 -10.02 11.78 -20.01
CA THR A 56 -9.04 11.39 -21.02
C THR A 56 -7.89 10.69 -20.31
N GLY A 57 -7.45 9.58 -20.90
CA GLY A 57 -6.38 8.81 -20.30
C GLY A 57 -6.91 7.57 -19.62
N VAL A 58 -8.17 7.61 -19.19
CA VAL A 58 -8.83 6.48 -18.56
C VAL A 58 -9.26 5.50 -19.66
N PRO A 59 -8.99 4.21 -19.47
CA PRO A 59 -9.36 3.21 -20.47
C PRO A 59 -10.86 3.23 -20.77
N SER A 60 -11.19 3.03 -22.04
CA SER A 60 -12.56 3.03 -22.52
C SER A 60 -13.47 1.97 -21.92
N ARG A 61 -12.88 0.99 -21.22
CA ARG A 61 -13.68 -0.08 -20.62
C ARG A 61 -14.50 0.41 -19.42
N PHE A 62 -14.18 1.61 -18.93
CA PHE A 62 -14.90 2.20 -17.81
C PHE A 62 -16.02 3.10 -18.35
N SER A 63 -17.18 3.05 -17.71
CA SER A 63 -18.31 3.88 -18.12
C SER A 63 -19.26 3.99 -16.95
N GLY A 64 -19.97 5.10 -16.90
CA GLY A 64 -20.93 5.32 -15.85
C GLY A 64 -22.25 5.77 -16.45
N SER A 65 -23.31 5.77 -15.65
CA SER A 65 -24.61 6.19 -16.16
C SER A 65 -25.60 6.41 -15.04
N GLY A 66 -26.78 6.87 -15.41
CA GLY A 66 -27.81 7.16 -14.43
C GLY A 66 -27.79 8.65 -14.13
N SER A 67 -28.79 9.07 -13.36
CA SER A 67 -28.93 10.46 -12.94
C SER A 67 -30.07 10.49 -11.93
N GLY A 68 -30.08 11.50 -11.08
CA GLY A 68 -31.12 11.60 -10.08
C GLY A 68 -30.72 10.89 -8.80
N THR A 69 -31.25 9.69 -8.60
CA THR A 69 -30.93 8.94 -7.39
C THR A 69 -30.12 7.68 -7.66
N ASP A 70 -30.43 6.98 -8.73
CA ASP A 70 -29.71 5.74 -9.07
C ASP A 70 -28.62 5.96 -10.12
N PHE A 71 -27.42 5.43 -9.85
CA PHE A 71 -26.30 5.56 -10.76
C PHE A 71 -25.56 4.22 -10.80
N SER A 72 -24.79 3.99 -11.85
CA SER A 72 -24.02 2.76 -11.96
C SER A 72 -22.71 2.94 -12.73
N PHE A 73 -21.71 2.15 -12.38
CA PHE A 73 -20.38 2.18 -12.96
C PHE A 73 -20.16 0.78 -13.52
N THR A 74 -19.48 0.68 -14.65
CA THR A 74 -19.25 -0.61 -15.28
C THR A 74 -17.86 -0.75 -15.89
N ILE A 75 -17.30 -1.95 -15.77
CA ILE A 75 -15.99 -2.24 -16.35
C ILE A 75 -16.34 -3.31 -17.37
N SER A 76 -16.16 -3.00 -18.65
CA SER A 76 -16.51 -3.92 -19.73
C SER A 76 -15.85 -5.28 -19.58
N SER A 77 -14.53 -5.31 -19.53
CA SER A 77 -13.84 -6.59 -19.34
C SER A 77 -12.72 -6.40 -18.32
N LEU A 78 -12.94 -6.91 -17.12
CA LEU A 78 -12.01 -6.81 -15.98
C LEU A 78 -10.61 -7.26 -16.34
N GLN A 79 -9.62 -6.50 -15.93
CA GLN A 79 -8.22 -6.83 -16.20
C GLN A 79 -7.47 -6.78 -14.88
N PRO A 80 -6.28 -7.39 -14.81
CA PRO A 80 -5.51 -7.39 -13.56
C PRO A 80 -5.28 -6.01 -12.96
N GLU A 81 -5.02 -5.04 -13.81
CA GLU A 81 -4.75 -3.67 -13.35
C GLU A 81 -5.95 -2.94 -12.81
N ASP A 82 -7.14 -3.55 -12.90
CA ASP A 82 -8.34 -2.89 -12.41
C ASP A 82 -8.58 -3.22 -10.96
N LEU A 83 -7.66 -3.98 -10.41
CA LEU A 83 -7.71 -4.38 -9.03
C LEU A 83 -7.61 -3.09 -8.21
N ALA A 84 -8.69 -2.77 -7.50
CA ALA A 84 -8.75 -1.56 -6.67
C ALA A 84 -10.07 -1.45 -5.93
N THR A 85 -10.27 -0.31 -5.26
CA THR A 85 -11.53 -0.04 -4.56
C THR A 85 -12.09 1.15 -5.33
N TYR A 86 -13.34 1.03 -5.78
CA TYR A 86 -13.98 2.11 -6.53
C TYR A 86 -14.95 2.84 -5.62
N TYR A 87 -14.97 4.17 -5.73
CA TYR A 87 -15.87 4.99 -4.92
C TYR A 87 -16.69 5.93 -5.79
N CYS A 88 -17.91 6.24 -5.36
CA CYS A 88 -18.72 7.20 -6.09
C CYS A 88 -18.81 8.35 -5.12
N GLN A 89 -18.79 9.57 -5.63
CA GLN A 89 -18.87 10.76 -4.78
C GLN A 89 -19.92 11.72 -5.34
N GLN A 90 -20.82 12.20 -4.50
CA GLN A 90 -21.83 13.14 -4.98
C GLN A 90 -21.26 14.54 -4.81
N TYR A 91 -21.44 15.40 -5.80
CA TYR A 91 -20.96 16.78 -5.66
C TYR A 91 -22.07 17.78 -5.89
N ASP A 92 -23.29 17.41 -5.54
CA ASP A 92 -24.42 18.31 -5.66
C ASP A 92 -24.16 19.39 -4.62
N SER A 93 -23.73 18.99 -3.43
CA SER A 93 -23.47 19.95 -2.35
C SER A 93 -22.50 19.45 -1.28
N LEU A 94 -22.08 20.37 -0.41
CA LEU A 94 -21.18 20.05 0.68
C LEU A 94 -21.97 19.42 1.81
N PRO A 95 -21.34 18.48 2.54
CA PRO A 95 -19.97 18.04 2.34
C PRO A 95 -20.00 17.00 1.23
N LEU A 96 -19.04 17.08 0.30
CA LEU A 96 -19.01 16.09 -0.77
C LEU A 96 -18.93 14.77 -0.05
N THR A 97 -19.89 13.90 -0.28
CA THR A 97 -19.95 12.61 0.39
C THR A 97 -19.63 11.45 -0.55
N PHE A 98 -18.93 10.45 -0.04
CA PHE A 98 -18.53 9.26 -0.81
C PHE A 98 -19.37 8.06 -0.36
N GLY A 99 -19.41 7.03 -1.20
CA GLY A 99 -20.14 5.83 -0.83
C GLY A 99 -19.13 4.93 -0.16
N GLY A 100 -19.60 3.83 0.45
CA GLY A 100 -18.71 2.91 1.13
C GLY A 100 -17.49 2.39 0.38
N GLY A 101 -17.62 2.18 -0.93
CA GLY A 101 -16.51 1.66 -1.72
C GLY A 101 -16.82 0.24 -2.15
N THR A 102 -16.02 -0.32 -3.05
CA THR A 102 -16.22 -1.70 -3.53
C THR A 102 -14.87 -2.30 -3.88
N LYS A 103 -14.45 -3.32 -3.14
CA LYS A 103 -13.16 -3.94 -3.41
C LYS A 103 -13.36 -4.98 -4.49
N VAL A 104 -12.70 -4.84 -5.63
CA VAL A 104 -12.85 -5.88 -6.64
C VAL A 104 -11.61 -6.74 -6.55
N GLU A 105 -11.81 -8.06 -6.51
CA GLU A 105 -10.70 -9.00 -6.44
C GLU A 105 -10.78 -9.91 -7.66
N ILE A 106 -9.64 -10.12 -8.30
CA ILE A 106 -9.57 -10.95 -9.49
C ILE A 106 -9.54 -12.43 -9.12
N LYS A 107 -10.45 -13.21 -9.68
CA LYS A 107 -10.45 -14.65 -9.41
C LYS A 107 -9.53 -15.20 -10.49
N ARG A 108 -8.73 -16.20 -10.10
CA ARG A 108 -7.82 -16.84 -11.03
C ARG A 108 -7.55 -18.26 -10.59
N THR A 109 -6.73 -18.96 -11.37
CA THR A 109 -6.40 -20.34 -11.06
C THR A 109 -5.49 -20.43 -9.85
N VAL A 110 -5.53 -21.59 -9.17
CA VAL A 110 -4.71 -21.85 -8.00
C VAL A 110 -3.23 -21.85 -8.34
N ALA A 111 -2.43 -21.18 -7.52
CA ALA A 111 -1.00 -21.13 -7.70
C ALA A 111 -0.35 -21.58 -6.39
N ALA A 112 0.63 -22.46 -6.50
CA ALA A 112 1.35 -23.00 -5.35
C ALA A 112 2.41 -22.01 -4.87
N PRO A 113 2.48 -21.78 -3.55
CA PRO A 113 3.46 -20.85 -3.00
C PRO A 113 4.87 -21.41 -3.01
N SER A 114 5.80 -20.70 -3.66
CA SER A 114 7.20 -21.14 -3.64
C SER A 114 7.70 -20.52 -2.32
N VAL A 115 8.22 -21.37 -1.42
CA VAL A 115 8.67 -20.92 -0.10
C VAL A 115 10.15 -20.95 0.25
N PHE A 116 10.59 -19.93 1.00
CA PHE A 116 11.96 -19.77 1.47
C PHE A 116 11.98 -19.50 2.98
N ILE A 117 13.11 -19.80 3.63
CA ILE A 117 13.30 -19.56 5.07
C ILE A 117 14.64 -18.85 5.27
N PHE A 118 14.65 -17.79 6.06
CA PHE A 118 15.87 -17.00 6.30
C PHE A 118 16.19 -16.86 7.77
N PRO A 119 17.40 -17.31 8.15
CA PRO A 119 17.89 -17.26 9.52
C PRO A 119 18.18 -15.83 9.93
N PRO A 120 18.18 -15.56 11.25
CA PRO A 120 18.46 -14.23 11.78
C PRO A 120 19.84 -13.75 11.34
N SER A 121 20.03 -12.45 11.27
CA SER A 121 21.31 -11.86 10.87
C SER A 121 22.19 -11.66 12.13
N ASP A 122 23.52 -11.84 12.07
CA ASP A 122 24.32 -11.64 13.30
C ASP A 122 24.14 -10.21 13.79
N GLU A 123 23.88 -9.29 12.86
CA GLU A 123 23.67 -7.89 13.21
C GLU A 123 22.34 -7.73 13.97
N GLN A 124 21.38 -8.59 13.66
CA GLN A 124 20.09 -8.56 14.31
C GLN A 124 20.20 -9.18 15.70
N LEU A 125 20.97 -10.27 15.79
CA LEU A 125 21.17 -10.95 17.05
C LEU A 125 21.75 -10.01 18.09
N LYS A 126 22.57 -9.08 17.63
CA LYS A 126 23.22 -8.13 18.52
C LYS A 126 22.23 -7.20 19.24
N SER A 127 20.99 -7.17 18.79
CA SER A 127 19.99 -6.31 19.43
C SER A 127 19.17 -7.02 20.48
N GLY A 128 19.37 -8.32 20.62
CA GLY A 128 18.64 -9.06 21.63
C GLY A 128 17.47 -9.82 21.06
N THR A 129 17.37 -9.87 19.75
CA THR A 129 16.29 -10.56 19.09
C THR A 129 16.72 -11.25 17.80
N ALA A 130 16.09 -12.39 17.53
CA ALA A 130 16.35 -13.18 16.35
C ALA A 130 15.02 -13.33 15.59
N SER A 131 15.02 -12.93 14.32
CA SER A 131 13.84 -13.04 13.49
C SER A 131 14.11 -13.99 12.35
N VAL A 132 13.42 -15.13 12.34
CA VAL A 132 13.56 -16.11 11.28
C VAL A 132 12.41 -15.77 10.35
N VAL A 133 12.70 -15.58 9.06
CA VAL A 133 11.66 -15.19 8.12
C VAL A 133 11.27 -16.30 7.16
N CYS A 134 9.98 -16.52 6.97
CA CYS A 134 9.54 -17.52 6.01
C CYS A 134 8.73 -16.80 4.93
N LEU A 135 9.19 -16.87 3.69
CA LEU A 135 8.51 -16.23 2.55
C LEU A 135 7.71 -17.15 1.65
N LEU A 136 6.42 -16.85 1.47
CA LEU A 136 5.57 -17.61 0.56
C LEU A 136 5.38 -16.70 -0.63
N ASN A 137 5.89 -17.10 -1.79
CA ASN A 137 5.80 -16.27 -2.98
C ASN A 137 4.85 -16.70 -4.06
N ASN A 138 4.13 -15.70 -4.59
CA ASN A 138 3.17 -15.86 -5.68
C ASN A 138 2.18 -17.00 -5.61
N PHE A 139 1.24 -16.93 -4.66
CA PHE A 139 0.24 -17.99 -4.54
C PHE A 139 -1.20 -17.46 -4.67
N TYR A 140 -2.14 -18.38 -4.87
CA TYR A 140 -3.56 -18.06 -4.99
C TYR A 140 -4.35 -19.34 -4.73
N PRO A 141 -5.40 -19.25 -3.89
CA PRO A 141 -5.89 -18.06 -3.17
C PRO A 141 -5.03 -17.59 -2.00
N ARG A 142 -5.54 -16.63 -1.23
CA ARG A 142 -4.82 -16.07 -0.09
C ARG A 142 -4.75 -17.00 1.12
N GLU A 143 -5.75 -17.87 1.24
CA GLU A 143 -5.81 -18.81 2.35
C GLU A 143 -4.59 -19.72 2.34
N ALA A 144 -3.65 -19.42 3.23
CA ALA A 144 -2.42 -20.18 3.37
C ALA A 144 -2.11 -20.29 4.85
N LYS A 145 -1.53 -21.41 5.25
CA LYS A 145 -1.18 -21.65 6.65
C LYS A 145 0.32 -21.77 6.76
N VAL A 146 0.89 -21.16 7.78
CA VAL A 146 2.31 -21.22 8.01
C VAL A 146 2.52 -21.47 9.49
N GLN A 147 2.99 -22.66 9.83
CA GLN A 147 3.24 -23.00 11.22
C GLN A 147 4.71 -23.20 11.52
N TRP A 148 5.16 -22.58 12.60
CA TRP A 148 6.55 -22.64 13.01
C TRP A 148 6.85 -23.81 13.94
N LYS A 149 7.99 -24.43 13.72
CA LYS A 149 8.44 -25.55 14.52
C LYS A 149 9.89 -25.38 14.94
N VAL A 150 10.13 -25.13 16.22
CA VAL A 150 11.51 -25.02 16.69
C VAL A 150 11.81 -26.29 17.48
N ASP A 151 12.67 -27.13 16.93
CA ASP A 151 13.00 -28.41 17.55
C ASP A 151 11.75 -29.29 17.67
N ASN A 152 10.99 -29.35 16.58
CA ASN A 152 9.76 -30.15 16.49
C ASN A 152 8.57 -29.66 17.32
N ALA A 153 8.78 -28.67 18.19
CA ALA A 153 7.71 -28.15 19.02
C ALA A 153 6.96 -27.01 18.30
N LEU A 154 5.65 -27.15 18.20
CA LEU A 154 4.82 -26.15 17.55
C LEU A 154 4.89 -24.82 18.28
N GLN A 155 4.79 -23.73 17.53
CA GLN A 155 4.84 -22.38 18.08
C GLN A 155 3.49 -21.68 18.05
N SER A 156 3.35 -20.63 18.86
CA SER A 156 2.12 -19.84 18.97
C SER A 156 2.34 -18.51 19.64
N GLY A 157 1.69 -17.47 19.11
CA GLY A 157 1.81 -16.14 19.70
C GLY A 157 3.19 -15.51 19.73
N ASN A 158 4.01 -15.81 18.73
CA ASN A 158 5.36 -15.26 18.62
C ASN A 158 5.74 -15.23 17.15
N SER A 159 4.71 -15.23 16.32
CA SER A 159 4.83 -15.22 14.88
C SER A 159 3.99 -14.03 14.42
N GLN A 160 4.38 -13.41 13.30
CA GLN A 160 3.66 -12.26 12.75
C GLN A 160 3.79 -12.29 11.23
N GLU A 161 2.68 -12.22 10.50
CA GLU A 161 2.75 -12.25 9.03
C GLU A 161 2.07 -11.14 8.24
N SER A 162 2.77 -10.67 7.20
CA SER A 162 2.28 -9.63 6.33
C SER A 162 2.04 -10.23 4.96
N VAL A 163 0.79 -10.17 4.49
CA VAL A 163 0.45 -10.68 3.17
C VAL A 163 0.22 -9.47 2.26
N THR A 164 0.59 -9.60 0.99
CA THR A 164 0.44 -8.50 0.05
C THR A 164 -0.92 -8.46 -0.60
N GLU A 165 -1.20 -7.34 -1.21
CA GLU A 165 -2.44 -7.22 -1.90
C GLU A 165 -2.23 -7.96 -3.21
N GLN A 166 -3.31 -8.35 -3.85
CA GLN A 166 -3.25 -9.07 -5.10
C GLN A 166 -2.43 -8.33 -6.14
N ASP A 167 -1.44 -9.00 -6.69
CA ASP A 167 -0.57 -8.39 -7.68
C ASP A 167 -1.33 -7.97 -8.92
N SER A 168 -1.05 -6.78 -9.43
CA SER A 168 -1.73 -6.27 -10.64
C SER A 168 -1.19 -6.85 -11.96
N LYS A 169 -0.13 -7.65 -11.88
CA LYS A 169 0.43 -8.25 -13.09
C LYS A 169 -0.04 -9.68 -13.28
N ASP A 170 -0.18 -10.43 -12.18
CA ASP A 170 -0.63 -11.81 -12.29
C ASP A 170 -1.65 -12.26 -11.25
N SER A 171 -2.17 -11.30 -10.49
CA SER A 171 -3.23 -11.57 -9.51
C SER A 171 -2.94 -12.60 -8.40
N THR A 172 -1.69 -12.65 -7.95
CA THR A 172 -1.27 -13.58 -6.90
C THR A 172 -0.83 -12.81 -5.66
N TYR A 173 -0.74 -13.52 -4.52
CA TYR A 173 -0.33 -12.91 -3.25
C TYR A 173 1.03 -13.41 -2.80
N SER A 174 1.66 -12.63 -1.93
CA SER A 174 2.93 -12.99 -1.36
C SER A 174 2.77 -12.74 0.12
N LEU A 175 3.27 -13.65 0.93
CA LEU A 175 3.17 -13.54 2.37
C LEU A 175 4.53 -13.75 3.02
N SER A 176 4.72 -13.10 4.16
CA SER A 176 5.97 -13.18 4.90
C SER A 176 5.65 -13.46 6.35
N SER A 177 6.11 -14.60 6.87
CA SER A 177 5.87 -14.93 8.27
C SER A 177 7.18 -14.68 9.03
N THR A 178 7.07 -14.14 10.24
CA THR A 178 8.24 -13.85 11.04
C THR A 178 8.13 -14.41 12.46
N LEU A 179 9.10 -15.27 12.81
CA LEU A 179 9.18 -15.87 14.15
C LEU A 179 10.16 -15.00 14.91
N THR A 180 9.73 -14.52 16.06
CA THR A 180 10.56 -13.64 16.84
C THR A 180 10.88 -14.23 18.21
N LEU A 181 12.14 -14.58 18.40
CA LEU A 181 12.57 -15.15 19.66
C LEU A 181 13.65 -14.25 20.22
N SER A 182 13.75 -14.21 21.54
CA SER A 182 14.78 -13.42 22.19
C SER A 182 16.08 -14.14 21.86
N LYS A 183 17.22 -13.44 21.91
CA LYS A 183 18.50 -14.08 21.59
C LYS A 183 18.73 -15.30 22.46
N ALA A 184 18.23 -15.27 23.68
CA ALA A 184 18.38 -16.38 24.62
C ALA A 184 17.63 -17.61 24.13
N ASP A 185 16.34 -17.47 23.90
CA ASP A 185 15.52 -18.59 23.44
C ASP A 185 16.05 -19.13 22.11
N TYR A 186 16.56 -18.24 21.27
CA TYR A 186 17.10 -18.64 19.98
C TYR A 186 18.31 -19.56 20.18
N GLU A 187 19.24 -19.13 21.02
CA GLU A 187 20.46 -19.90 21.29
C GLU A 187 20.15 -21.25 21.93
N LYS A 188 19.02 -21.35 22.63
CA LYS A 188 18.66 -22.62 23.26
C LYS A 188 18.22 -23.72 22.31
N HIS A 189 18.00 -23.39 21.05
CA HIS A 189 17.53 -24.39 20.09
C HIS A 189 18.34 -24.49 18.82
N LYS A 190 18.17 -25.59 18.11
CA LYS A 190 18.93 -25.82 16.90
C LYS A 190 18.13 -25.76 15.60
N VAL A 191 17.10 -26.60 15.50
CA VAL A 191 16.30 -26.69 14.29
C VAL A 191 15.08 -25.78 14.20
N TYR A 192 15.10 -24.85 13.23
CA TYR A 192 14.00 -23.93 12.97
C TYR A 192 13.33 -24.32 11.66
N ALA A 193 12.06 -24.69 11.75
CA ALA A 193 11.27 -25.13 10.60
C ALA A 193 10.04 -24.28 10.40
N CYS A 194 9.60 -24.24 9.16
CA CYS A 194 8.45 -23.48 8.74
C CYS A 194 7.60 -24.39 7.87
N GLU A 195 6.39 -24.72 8.31
CA GLU A 195 5.50 -25.63 7.58
C GLU A 195 4.35 -24.89 6.86
N VAL A 196 4.47 -24.80 5.54
CA VAL A 196 3.46 -24.12 4.74
C VAL A 196 2.50 -25.05 4.03
N THR A 197 1.22 -24.88 4.34
CA THR A 197 0.17 -25.67 3.73
C THR A 197 -0.65 -24.71 2.86
N HIS A 198 -0.85 -25.09 1.61
CA HIS A 198 -1.64 -24.29 0.70
C HIS A 198 -2.51 -25.23 -0.12
N GLN A 199 -3.54 -24.68 -0.76
CA GLN A 199 -4.45 -25.47 -1.58
C GLN A 199 -3.79 -26.08 -2.81
N GLY A 200 -2.76 -25.42 -3.33
CA GLY A 200 -2.07 -25.93 -4.50
C GLY A 200 -0.90 -26.83 -4.11
N LEU A 201 -0.89 -27.23 -2.86
CA LEU A 201 0.12 -28.10 -2.31
C LEU A 201 -0.55 -29.41 -1.95
N SER A 202 -0.11 -30.50 -2.59
CA SER A 202 -0.68 -31.82 -2.32
C SER A 202 -0.40 -32.18 -0.85
N SER A 203 0.82 -31.89 -0.44
CA SER A 203 1.31 -32.15 0.92
C SER A 203 2.02 -30.91 1.47
N PRO A 204 1.94 -30.69 2.79
CA PRO A 204 2.58 -29.55 3.46
C PRO A 204 4.07 -29.47 3.21
N VAL A 205 4.53 -28.33 2.74
CA VAL A 205 5.96 -28.10 2.46
C VAL A 205 6.64 -27.58 3.73
N THR A 206 7.81 -28.14 4.04
CA THR A 206 8.56 -27.74 5.22
C THR A 206 9.96 -27.29 4.87
N LYS A 207 10.29 -26.05 5.24
CA LYS A 207 11.62 -25.49 5.01
C LYS A 207 12.18 -25.32 6.39
N SER A 208 13.50 -25.49 6.52
CA SER A 208 14.13 -25.36 7.82
C SER A 208 15.63 -25.25 7.73
N PHE A 209 16.24 -24.89 8.86
CA PHE A 209 17.67 -24.75 8.96
C PHE A 209 18.13 -25.15 10.37
N ASN A 210 19.40 -25.47 10.48
CA ASN A 210 20.03 -25.85 11.73
C ASN A 210 20.87 -24.66 12.19
N ARG A 211 20.58 -24.18 13.40
CA ARG A 211 21.28 -23.04 13.97
C ARG A 211 22.80 -23.22 14.02
N GLY A 212 23.53 -22.10 13.93
CA GLY A 212 24.98 -22.16 13.97
C GLY A 212 25.55 -22.26 15.37
N ASP B 1 -1.45 18.50 -16.25
CA ASP B 1 -2.51 18.99 -15.32
C ASP B 1 -1.84 19.60 -14.10
N ILE B 2 -2.62 19.74 -13.04
CA ILE B 2 -2.12 20.29 -11.80
C ILE B 2 -1.68 19.11 -10.96
N GLN B 3 -0.43 19.11 -10.53
CA GLN B 3 0.07 18.03 -9.69
C GLN B 3 0.14 18.50 -8.26
N MET B 4 -0.35 17.64 -7.37
CA MET B 4 -0.35 17.95 -5.95
C MET B 4 0.64 17.05 -5.20
N THR B 5 1.60 17.68 -4.51
CA THR B 5 2.61 16.92 -3.76
C THR B 5 2.43 17.13 -2.25
N GLN B 6 2.24 16.04 -1.51
CA GLN B 6 2.06 16.11 -0.06
C GLN B 6 3.33 15.84 0.69
N SER B 7 3.34 16.16 1.98
CA SER B 7 4.50 15.95 2.83
C SER B 7 4.19 16.03 4.32
N PRO B 8 4.70 15.05 5.09
CA PRO B 8 5.51 13.95 4.55
C PRO B 8 4.58 12.84 4.06
N SER B 9 5.15 11.72 3.64
CA SER B 9 4.35 10.59 3.17
C SER B 9 3.75 9.78 4.34
N SER B 10 4.36 9.93 5.51
CA SER B 10 3.90 9.25 6.73
C SER B 10 4.61 9.91 7.88
N LEU B 11 4.02 9.80 9.07
CA LEU B 11 4.62 10.37 10.26
C LEU B 11 4.08 9.65 11.48
N SER B 12 4.97 9.38 12.43
CA SER B 12 4.56 8.71 13.66
C SER B 12 4.51 9.78 14.74
N ALA B 13 3.45 9.79 15.52
CA ALA B 13 3.31 10.78 16.58
C ALA B 13 2.48 10.22 17.72
N SER B 14 2.72 10.74 18.92
CA SER B 14 2.00 10.31 20.12
C SER B 14 0.84 11.22 20.43
N VAL B 15 -0.19 10.62 21.03
CA VAL B 15 -1.40 11.34 21.39
C VAL B 15 -1.02 12.64 22.10
N GLY B 16 -1.61 13.74 21.64
CA GLY B 16 -1.34 15.04 22.23
C GLY B 16 -0.37 15.92 21.47
N ASP B 17 0.28 15.38 20.44
CA ASP B 17 1.23 16.14 19.63
C ASP B 17 0.54 17.04 18.63
N ARG B 18 1.26 18.06 18.16
CA ARG B 18 0.73 18.98 17.15
C ARG B 18 1.27 18.43 15.84
N VAL B 19 0.37 18.09 14.93
CA VAL B 19 0.80 17.53 13.64
C VAL B 19 0.54 18.49 12.50
N THR B 20 1.46 18.53 11.55
CA THR B 20 1.33 19.39 10.37
C THR B 20 1.74 18.69 9.08
N ILE B 21 0.82 18.70 8.11
CA ILE B 21 1.02 18.11 6.79
C ILE B 21 1.00 19.27 5.81
N THR B 22 1.64 19.10 4.66
CA THR B 22 1.64 20.17 3.68
C THR B 22 1.22 19.60 2.37
N CYS B 23 0.92 20.49 1.44
CA CYS B 23 0.46 20.10 0.13
C CYS B 23 0.72 21.28 -0.81
N GLN B 24 1.53 21.07 -1.84
CA GLN B 24 1.80 22.14 -2.79
C GLN B 24 1.40 21.77 -4.21
N ALA B 25 0.76 22.72 -4.89
CA ALA B 25 0.30 22.54 -6.25
C ALA B 25 1.30 23.06 -7.28
N SER B 26 1.35 22.39 -8.43
CA SER B 26 2.26 22.77 -9.51
C SER B 26 1.94 24.13 -10.11
N GLN B 27 0.77 24.67 -9.78
CA GLN B 27 0.37 25.99 -10.27
C GLN B 27 -0.66 26.57 -9.34
N ASP B 28 -0.74 27.90 -9.31
CA ASP B 28 -1.67 28.59 -8.43
C ASP B 28 -3.10 28.08 -8.58
N ILE B 29 -3.70 27.66 -7.46
CA ILE B 29 -5.07 27.16 -7.45
C ILE B 29 -5.93 27.93 -6.46
N SER B 30 -5.53 29.17 -6.17
CA SER B 30 -6.27 30.00 -5.23
C SER B 30 -6.50 29.19 -3.95
N SER B 31 -7.73 29.20 -3.46
CA SER B 31 -8.10 28.47 -2.24
C SER B 31 -8.88 27.20 -2.58
N TYR B 32 -8.82 26.77 -3.83
CA TYR B 32 -9.54 25.60 -4.29
C TYR B 32 -8.89 24.29 -3.91
N LEU B 33 -8.84 24.06 -2.60
CA LEU B 33 -8.23 22.86 -2.04
C LEU B 33 -9.09 22.27 -0.92
N ASN B 34 -9.30 20.95 -0.96
CA ASN B 34 -10.07 20.22 0.07
C ASN B 34 -9.10 19.30 0.83
N TRP B 35 -9.38 19.02 2.10
CA TRP B 35 -8.55 18.10 2.90
C TRP B 35 -9.45 16.98 3.39
N TYR B 36 -9.13 15.75 2.99
CA TYR B 36 -9.89 14.56 3.39
C TYR B 36 -9.15 13.72 4.42
N GLN B 37 -9.91 12.87 5.11
CA GLN B 37 -9.39 11.97 6.13
C GLN B 37 -9.93 10.62 5.72
N GLN B 38 -9.09 9.60 5.66
CA GLN B 38 -9.56 8.26 5.31
C GLN B 38 -9.07 7.21 6.29
N LYS B 39 -9.95 6.66 7.11
CA LYS B 39 -9.59 5.62 8.07
C LYS B 39 -9.38 4.39 7.21
N PRO B 40 -8.63 3.39 7.71
CA PRO B 40 -8.41 2.19 6.90
C PRO B 40 -9.72 1.49 6.59
N GLY B 41 -9.91 1.17 5.31
CA GLY B 41 -11.13 0.51 4.88
C GLY B 41 -12.40 1.36 4.88
N LYS B 42 -12.23 2.68 4.89
CA LYS B 42 -13.37 3.58 4.89
C LYS B 42 -13.23 4.53 3.71
N ALA B 43 -14.34 5.13 3.30
CA ALA B 43 -14.36 6.10 2.20
C ALA B 43 -13.87 7.41 2.78
N PRO B 44 -13.18 8.24 1.99
CA PRO B 44 -12.70 9.52 2.52
C PRO B 44 -13.81 10.39 3.10
N LYS B 45 -13.48 11.26 4.04
CA LYS B 45 -14.45 12.15 4.63
C LYS B 45 -13.89 13.56 4.51
N LEU B 46 -14.67 14.48 3.98
CA LEU B 46 -14.22 15.86 3.81
C LEU B 46 -14.17 16.56 5.15
N LEU B 47 -13.02 17.14 5.49
CA LEU B 47 -12.85 17.83 6.76
C LEU B 47 -12.75 19.32 6.55
N ILE B 48 -12.08 19.71 5.49
CA ILE B 48 -11.89 21.12 5.23
C ILE B 48 -12.11 21.41 3.75
N HIS B 49 -12.89 22.45 3.49
CA HIS B 49 -13.21 22.85 2.13
C HIS B 49 -12.68 24.26 1.92
N ALA B 50 -12.40 24.61 0.66
CA ALA B 50 -11.90 25.94 0.31
C ALA B 50 -10.65 26.38 1.09
N ALA B 51 -9.73 25.43 1.30
CA ALA B 51 -8.47 25.68 2.02
C ALA B 51 -8.52 25.78 3.53
N SER B 52 -9.55 26.43 4.07
CA SER B 52 -9.66 26.58 5.52
C SER B 52 -11.08 26.67 6.07
N SER B 53 -12.04 26.10 5.36
CA SER B 53 -13.41 26.14 5.83
C SER B 53 -13.69 24.77 6.43
N LEU B 54 -13.73 24.71 7.74
CA LEU B 54 -13.99 23.47 8.46
C LEU B 54 -15.40 22.99 8.16
N GLU B 55 -15.53 21.77 7.66
CA GLU B 55 -16.86 21.26 7.36
C GLU B 55 -17.64 21.12 8.65
N THR B 56 -18.91 21.51 8.60
CA THR B 56 -19.79 21.45 9.75
C THR B 56 -19.71 20.09 10.44
N GLY B 57 -19.25 20.09 11.69
CA GLY B 57 -19.15 18.86 12.45
C GLY B 57 -17.75 18.39 12.79
N VAL B 58 -16.73 18.84 12.07
CA VAL B 58 -15.38 18.39 12.39
C VAL B 58 -14.82 19.18 13.56
N PRO B 59 -14.07 18.50 14.45
CA PRO B 59 -13.45 19.08 15.65
C PRO B 59 -12.48 20.21 15.31
N SER B 60 -12.44 21.21 16.18
CA SER B 60 -11.57 22.38 15.98
C SER B 60 -10.07 22.16 16.09
N ARG B 61 -9.63 20.94 16.41
CA ARG B 61 -8.19 20.70 16.47
C ARG B 61 -7.60 20.68 15.05
N PHE B 62 -8.50 20.53 14.08
CA PHE B 62 -8.14 20.49 12.67
C PHE B 62 -8.24 21.89 12.09
N SER B 63 -7.22 22.30 11.36
CA SER B 63 -7.22 23.61 10.73
C SER B 63 -6.53 23.54 9.38
N GLY B 64 -6.81 24.51 8.52
CA GLY B 64 -6.19 24.54 7.21
C GLY B 64 -5.71 25.96 6.96
N SER B 65 -4.68 26.10 6.14
CA SER B 65 -4.12 27.41 5.81
C SER B 65 -3.50 27.32 4.44
N GLY B 66 -3.42 28.46 3.76
CA GLY B 66 -2.84 28.47 2.44
C GLY B 66 -3.67 29.08 1.34
N SER B 67 -2.99 29.38 0.23
CA SER B 67 -3.58 29.98 -0.95
C SER B 67 -2.53 29.95 -2.04
N GLY B 68 -2.97 29.83 -3.29
CA GLY B 68 -2.02 29.82 -4.38
C GLY B 68 -1.37 28.47 -4.63
N THR B 69 -0.19 28.25 -4.06
CA THR B 69 0.51 26.97 -4.25
C THR B 69 0.97 26.22 -3.00
N ASP B 70 0.96 26.87 -1.83
CA ASP B 70 1.40 26.19 -0.62
C ASP B 70 0.28 26.12 0.39
N PHE B 71 -0.06 24.91 0.79
CA PHE B 71 -1.14 24.73 1.73
C PHE B 71 -0.66 23.84 2.86
N SER B 72 -1.38 23.85 3.96
CA SER B 72 -1.07 23.02 5.12
C SER B 72 -2.30 22.68 5.95
N PHE B 73 -2.18 21.64 6.75
CA PHE B 73 -3.26 21.14 7.57
C PHE B 73 -2.64 20.94 8.93
N THR B 74 -3.39 21.22 9.99
CA THR B 74 -2.87 21.05 11.33
C THR B 74 -3.86 20.38 12.30
N ILE B 75 -3.29 19.58 13.19
CA ILE B 75 -4.05 18.92 14.23
C ILE B 75 -3.34 19.46 15.47
N SER B 76 -4.05 20.24 16.28
CA SER B 76 -3.44 20.82 17.49
C SER B 76 -2.93 19.75 18.46
N SER B 77 -3.76 18.76 18.72
CA SER B 77 -3.43 17.68 19.61
C SER B 77 -3.94 16.42 18.96
N LEU B 78 -3.02 15.56 18.57
CA LEU B 78 -3.37 14.30 17.93
C LEU B 78 -4.21 13.50 18.92
N GLN B 79 -5.34 13.00 18.44
CA GLN B 79 -6.23 12.19 19.27
C GLN B 79 -6.22 10.81 18.62
N PRO B 80 -6.43 9.75 19.40
CA PRO B 80 -6.44 8.36 18.89
C PRO B 80 -7.39 8.20 17.70
N GLU B 81 -8.41 9.02 17.65
CA GLU B 81 -9.38 8.94 16.58
C GLU B 81 -8.87 9.61 15.31
N ASP B 82 -7.70 10.23 15.39
CA ASP B 82 -7.11 10.91 14.24
C ASP B 82 -6.09 10.05 13.48
N LEU B 83 -5.83 8.83 13.95
CA LEU B 83 -4.88 7.96 13.26
C LEU B 83 -5.49 7.52 11.95
N ALA B 84 -5.01 8.10 10.85
CA ALA B 84 -5.53 7.81 9.51
C ALA B 84 -4.66 8.43 8.44
N THR B 85 -5.09 8.29 7.19
CA THR B 85 -4.40 8.88 6.05
C THR B 85 -5.16 10.13 5.63
N TYR B 86 -4.43 11.21 5.36
CA TYR B 86 -5.04 12.46 4.96
C TYR B 86 -4.65 12.85 3.54
N TYR B 87 -5.59 13.42 2.79
CA TYR B 87 -5.36 13.86 1.40
C TYR B 87 -5.81 15.28 1.16
N CYS B 88 -5.16 15.92 0.20
CA CYS B 88 -5.55 17.24 -0.22
C CYS B 88 -6.00 17.02 -1.66
N GLN B 89 -6.92 17.85 -2.12
CA GLN B 89 -7.44 17.74 -3.48
C GLN B 89 -7.73 19.13 -4.01
N GLN B 90 -7.31 19.38 -5.23
CA GLN B 90 -7.57 20.67 -5.83
C GLN B 90 -8.82 20.53 -6.68
N TYR B 91 -9.65 21.55 -6.67
CA TYR B 91 -10.85 21.50 -7.48
C TYR B 91 -10.94 22.75 -8.36
N ASP B 92 -9.77 23.24 -8.76
CA ASP B 92 -9.66 24.39 -9.64
C ASP B 92 -10.16 23.95 -11.00
N SER B 93 -9.85 22.72 -11.37
CA SER B 93 -10.24 22.15 -12.65
C SER B 93 -10.01 20.65 -12.68
N LEU B 94 -10.66 19.97 -13.64
CA LEU B 94 -10.50 18.54 -13.79
C LEU B 94 -9.02 18.23 -14.06
N PRO B 95 -8.57 17.01 -13.72
CA PRO B 95 -9.33 15.90 -13.13
C PRO B 95 -9.40 15.85 -11.60
N LEU B 96 -9.53 17.00 -10.96
CA LEU B 96 -9.64 17.04 -9.50
C LEU B 96 -8.58 16.17 -8.84
N THR B 97 -7.32 16.56 -9.03
CA THR B 97 -6.18 15.83 -8.51
C THR B 97 -6.05 15.78 -7.00
N PHE B 98 -5.72 14.59 -6.50
CA PHE B 98 -5.51 14.31 -5.07
C PHE B 98 -4.00 14.18 -4.84
N GLY B 99 -3.53 14.66 -3.70
CA GLY B 99 -2.11 14.51 -3.39
C GLY B 99 -1.87 13.06 -2.99
N GLY B 100 -0.60 12.69 -2.82
CA GLY B 100 -0.25 11.32 -2.48
C GLY B 100 -0.76 10.77 -1.16
N GLY B 101 -1.02 11.65 -0.20
CA GLY B 101 -1.52 11.22 1.09
C GLY B 101 -0.40 11.20 2.11
N THR B 102 -0.79 11.37 3.37
CA THR B 102 0.15 11.36 4.49
C THR B 102 -0.47 10.48 5.53
N LYS B 103 0.19 9.37 5.84
CA LYS B 103 -0.33 8.45 6.85
C LYS B 103 0.16 8.93 8.20
N VAL B 104 -0.76 9.16 9.12
CA VAL B 104 -0.41 9.61 10.46
C VAL B 104 -0.57 8.39 11.33
N GLU B 105 0.51 7.99 11.99
CA GLU B 105 0.46 6.82 12.85
C GLU B 105 1.06 7.10 14.20
N ILE B 106 0.75 6.23 15.16
CA ILE B 106 1.22 6.39 16.53
C ILE B 106 2.66 5.91 16.78
N LYS B 107 3.36 6.59 17.69
CA LYS B 107 4.72 6.18 18.04
C LYS B 107 4.66 4.88 18.80
N ARG B 108 5.58 3.97 18.49
CA ARG B 108 5.68 2.66 19.13
C ARG B 108 7.14 2.28 19.19
N THR B 109 7.41 1.08 19.69
CA THR B 109 8.76 0.56 19.76
C THR B 109 9.25 0.53 18.31
N VAL B 110 10.35 1.22 18.03
CA VAL B 110 10.94 1.25 16.69
C VAL B 110 11.43 -0.13 16.26
N ALA B 111 10.86 -0.67 15.20
CA ALA B 111 11.25 -1.97 14.68
C ALA B 111 12.07 -1.86 13.38
N ALA B 112 13.34 -2.25 13.45
CA ALA B 112 14.23 -2.19 12.30
C ALA B 112 13.98 -3.30 11.30
N PRO B 113 14.04 -2.96 9.99
CA PRO B 113 13.83 -3.90 8.88
C PRO B 113 15.01 -4.80 8.59
N SER B 114 14.75 -6.08 8.33
CA SER B 114 15.83 -6.98 7.95
C SER B 114 15.69 -6.96 6.42
N VAL B 115 16.67 -6.39 5.74
CA VAL B 115 16.67 -6.31 4.28
C VAL B 115 17.31 -7.53 3.63
N PHE B 116 16.71 -7.99 2.55
CA PHE B 116 17.19 -9.13 1.79
C PHE B 116 17.24 -8.65 0.34
N ILE B 117 18.18 -9.17 -0.44
CA ILE B 117 18.29 -8.78 -1.84
C ILE B 117 18.25 -10.02 -2.68
N PHE B 118 17.41 -10.02 -3.70
CA PHE B 118 17.25 -11.15 -4.59
C PHE B 118 17.58 -10.78 -6.02
N PRO B 119 18.51 -11.51 -6.63
CA PRO B 119 18.92 -11.25 -8.03
C PRO B 119 17.96 -11.96 -8.98
N PRO B 120 17.98 -11.60 -10.28
CA PRO B 120 17.08 -12.24 -11.25
C PRO B 120 17.46 -13.66 -11.63
N SER B 121 16.46 -14.51 -11.77
CA SER B 121 16.67 -15.90 -12.17
C SER B 121 16.94 -15.98 -13.67
N ASP B 122 17.63 -17.03 -14.09
CA ASP B 122 17.95 -17.23 -15.51
C ASP B 122 16.70 -17.34 -16.38
N GLU B 123 15.64 -17.94 -15.84
CA GLU B 123 14.37 -18.08 -16.55
C GLU B 123 13.79 -16.71 -16.91
N GLN B 124 13.97 -15.73 -16.02
CA GLN B 124 13.48 -14.38 -16.26
C GLN B 124 14.39 -13.66 -17.24
N LEU B 125 15.70 -13.81 -17.07
CA LEU B 125 16.67 -13.18 -17.97
C LEU B 125 16.44 -13.69 -19.39
N LYS B 126 15.84 -14.87 -19.50
CA LYS B 126 15.54 -15.44 -20.81
C LYS B 126 14.58 -14.48 -21.52
N SER B 127 13.61 -14.00 -20.77
CA SER B 127 12.59 -13.07 -21.28
C SER B 127 13.16 -11.75 -21.79
N GLY B 128 14.44 -11.50 -21.58
CA GLY B 128 15.02 -10.26 -22.05
C GLY B 128 14.98 -9.12 -21.04
N THR B 129 14.44 -9.41 -19.85
CA THR B 129 14.32 -8.44 -18.77
C THR B 129 15.06 -8.90 -17.53
N ALA B 130 15.44 -7.94 -16.67
CA ALA B 130 16.14 -8.24 -15.42
C ALA B 130 15.59 -7.42 -14.26
N SER B 131 15.02 -8.11 -13.30
CA SER B 131 14.47 -7.46 -12.11
C SER B 131 15.22 -7.95 -10.88
N VAL B 132 15.81 -7.01 -10.15
CA VAL B 132 16.50 -7.35 -8.93
C VAL B 132 15.69 -6.76 -7.78
N VAL B 133 15.27 -7.62 -6.87
CA VAL B 133 14.45 -7.25 -5.73
C VAL B 133 15.19 -7.01 -4.42
N CYS B 134 14.64 -6.18 -3.56
CA CYS B 134 15.23 -5.88 -2.27
C CYS B 134 14.08 -5.79 -1.28
N LEU B 135 13.92 -6.80 -0.43
CA LEU B 135 12.83 -6.83 0.53
C LEU B 135 13.17 -6.26 1.91
N LEU B 136 12.37 -5.33 2.39
CA LEU B 136 12.55 -4.77 3.72
C LEU B 136 11.53 -5.58 4.49
N ASN B 137 11.94 -6.22 5.57
CA ASN B 137 11.00 -7.06 6.28
C ASN B 137 10.68 -6.67 7.69
N ASN B 138 9.42 -6.85 8.06
CA ASN B 138 8.91 -6.60 9.40
C ASN B 138 9.41 -5.34 10.12
N PHE B 139 9.16 -4.16 9.57
CA PHE B 139 9.63 -2.93 10.23
C PHE B 139 8.50 -2.00 10.71
N TYR B 140 8.89 -0.89 11.33
CA TYR B 140 7.95 0.12 11.83
C TYR B 140 8.72 1.27 12.50
N PRO B 141 8.32 2.53 12.28
CA PRO B 141 7.22 3.09 11.48
C PRO B 141 7.43 2.88 9.97
N ARG B 142 6.45 3.24 9.16
CA ARG B 142 6.54 3.04 7.72
C ARG B 142 7.61 3.84 7.00
N GLU B 143 8.00 4.95 7.57
CA GLU B 143 9.01 5.77 6.93
C GLU B 143 10.32 5.01 6.76
N ALA B 144 10.65 4.72 5.50
CA ALA B 144 11.88 4.01 5.12
C ALA B 144 12.26 4.48 3.73
N LYS B 145 13.52 4.31 3.36
CA LYS B 145 13.97 4.76 2.05
C LYS B 145 14.93 3.78 1.39
N VAL B 146 14.49 3.13 0.32
CA VAL B 146 15.33 2.18 -0.38
C VAL B 146 16.03 2.92 -1.51
N GLN B 147 17.34 2.78 -1.60
CA GLN B 147 18.09 3.46 -2.63
C GLN B 147 18.96 2.47 -3.35
N TRP B 148 18.81 2.39 -4.67
CA TRP B 148 19.60 1.46 -5.47
C TRP B 148 20.87 2.06 -6.04
N LYS B 149 21.94 1.29 -6.03
CA LYS B 149 23.21 1.71 -6.57
C LYS B 149 23.76 0.58 -7.43
N VAL B 150 24.04 0.90 -8.69
CA VAL B 150 24.56 -0.09 -9.63
C VAL B 150 26.00 0.27 -9.97
N ASP B 151 26.93 -0.58 -9.55
CA ASP B 151 28.35 -0.32 -9.75
C ASP B 151 28.64 1.00 -9.08
N ASN B 152 28.10 1.13 -7.87
CA ASN B 152 28.25 2.29 -7.02
C ASN B 152 27.70 3.61 -7.56
N ALA B 153 26.76 3.54 -8.50
CA ALA B 153 26.14 4.73 -9.06
C ALA B 153 24.70 4.80 -8.58
N LEU B 154 24.21 6.00 -8.36
CA LEU B 154 22.83 6.14 -7.89
C LEU B 154 21.82 6.09 -9.04
N GLN B 155 20.84 5.20 -8.90
CA GLN B 155 19.79 5.02 -9.89
C GLN B 155 18.53 5.86 -9.59
N SER B 156 17.69 6.03 -10.61
CA SER B 156 16.44 6.77 -10.49
C SER B 156 15.50 6.44 -11.66
N GLY B 157 14.21 6.37 -11.35
CA GLY B 157 13.18 6.08 -12.35
C GLY B 157 13.14 4.66 -12.88
N ASN B 158 13.68 3.73 -12.12
CA ASN B 158 13.70 2.33 -12.57
C ASN B 158 13.34 1.34 -11.46
N SER B 159 12.73 1.83 -10.39
CA SER B 159 12.34 0.97 -9.29
C SER B 159 10.88 1.21 -8.93
N GLN B 160 10.27 0.22 -8.28
CA GLN B 160 8.89 0.32 -7.86
C GLN B 160 8.71 -0.33 -6.50
N GLU B 161 7.99 0.37 -5.63
CA GLU B 161 7.75 -0.10 -4.27
C GLU B 161 6.31 -0.43 -3.99
N SER B 162 6.10 -1.38 -3.10
CA SER B 162 4.75 -1.76 -2.71
C SER B 162 4.79 -2.08 -1.22
N VAL B 163 4.24 -1.17 -0.42
CA VAL B 163 4.23 -1.34 1.01
C VAL B 163 3.07 -2.21 1.42
N THR B 164 3.35 -3.21 2.26
CA THR B 164 2.28 -4.08 2.72
C THR B 164 1.46 -3.34 3.75
N GLU B 165 0.18 -3.15 3.43
CA GLU B 165 -0.72 -2.50 4.35
C GLU B 165 -0.92 -3.45 5.50
N GLN B 166 -0.75 -2.91 6.51
CA GLN B 166 -1.01 -3.58 7.79
C GLN B 166 -2.50 -3.54 8.15
N ASP B 167 -3.02 -4.72 8.39
CA ASP B 167 -4.43 -4.92 8.77
C ASP B 167 -4.44 -5.42 10.23
N SER B 168 -5.03 -4.59 11.12
CA SER B 168 -5.01 -4.82 12.59
C SER B 168 -3.67 -4.29 13.13
N LYS B 169 -3.57 -3.02 12.83
CA LYS B 169 -2.45 -2.06 13.03
C LYS B 169 -1.64 -2.00 14.39
N ASP B 170 -1.42 -3.08 15.07
CA ASP B 170 -0.49 -3.10 16.26
C ASP B 170 0.57 -4.04 15.74
N SER B 171 0.86 -3.69 14.45
CA SER B 171 1.73 -4.46 13.53
C SER B 171 3.02 -3.81 13.00
N THR B 172 3.44 -4.40 11.85
CA THR B 172 4.66 -4.05 11.11
C THR B 172 4.45 -4.14 9.60
N TYR B 173 5.41 -3.57 8.91
CA TYR B 173 5.39 -3.51 7.46
C TYR B 173 6.44 -4.40 6.80
N SER B 174 6.34 -4.46 5.47
CA SER B 174 7.24 -5.17 4.59
C SER B 174 7.18 -4.33 3.32
N LEU B 175 8.31 -4.16 2.65
CA LEU B 175 8.32 -3.33 1.47
C LEU B 175 9.24 -3.96 0.44
N SER B 176 8.80 -3.97 -0.82
CA SER B 176 9.60 -4.53 -1.91
C SER B 176 10.00 -3.43 -2.85
N SER B 177 11.26 -3.41 -3.28
CA SER B 177 11.70 -2.42 -4.23
C SER B 177 12.23 -3.23 -5.39
N THR B 178 11.55 -3.13 -6.53
CA THR B 178 11.94 -3.86 -7.72
C THR B 178 12.58 -2.93 -8.72
N LEU B 179 13.83 -3.23 -9.08
CA LEU B 179 14.62 -2.46 -10.05
C LEU B 179 14.62 -3.26 -11.34
N THR B 180 13.97 -2.74 -12.38
CA THR B 180 13.93 -3.45 -13.65
C THR B 180 14.88 -2.83 -14.66
N LEU B 181 15.71 -3.67 -15.26
CA LEU B 181 16.67 -3.24 -16.25
C LEU B 181 16.54 -4.20 -17.40
N SER B 182 16.99 -3.77 -18.59
CA SER B 182 16.94 -4.64 -19.75
C SER B 182 18.09 -5.60 -19.59
N LYS B 183 17.94 -6.81 -20.11
CA LYS B 183 18.98 -7.80 -20.01
C LYS B 183 20.33 -7.19 -20.39
N ALA B 184 20.41 -6.54 -21.54
CA ALA B 184 21.68 -5.96 -21.95
C ALA B 184 22.24 -5.00 -20.91
N ASP B 185 21.39 -4.23 -20.23
CA ASP B 185 21.86 -3.27 -19.22
C ASP B 185 22.31 -3.99 -17.97
N TYR B 186 21.61 -5.06 -17.63
CA TYR B 186 21.92 -5.86 -16.45
C TYR B 186 23.28 -6.53 -16.59
N GLU B 187 23.63 -6.94 -17.81
CA GLU B 187 24.89 -7.60 -18.05
C GLU B 187 25.99 -6.59 -18.36
N LYS B 188 25.71 -5.32 -18.15
CA LYS B 188 26.70 -4.31 -18.42
C LYS B 188 27.22 -3.77 -17.09
N HIS B 189 26.80 -4.37 -15.99
CA HIS B 189 27.23 -3.93 -14.68
C HIS B 189 27.58 -5.10 -13.76
N LYS B 190 28.35 -4.83 -12.71
CA LYS B 190 28.80 -5.88 -11.79
C LYS B 190 28.06 -5.91 -10.45
N VAL B 191 28.25 -4.86 -9.64
CA VAL B 191 27.65 -4.80 -8.32
C VAL B 191 26.29 -4.13 -8.26
N TYR B 192 25.33 -4.85 -7.70
CA TYR B 192 23.98 -4.34 -7.56
C TYR B 192 23.74 -4.21 -6.09
N ALA B 193 23.55 -2.98 -5.62
CA ALA B 193 23.32 -2.72 -4.20
C ALA B 193 21.99 -2.04 -3.91
N CYS B 194 21.52 -2.28 -2.70
CA CYS B 194 20.26 -1.74 -2.20
C CYS B 194 20.58 -1.22 -0.81
N GLU B 195 20.59 0.09 -0.65
CA GLU B 195 20.90 0.70 0.64
C GLU B 195 19.65 1.25 1.30
N VAL B 196 19.18 0.58 2.35
CA VAL B 196 17.98 1.05 3.03
C VAL B 196 18.33 1.95 4.20
N THR B 197 17.35 2.79 4.56
CA THR B 197 17.47 3.74 5.64
C THR B 197 16.18 3.63 6.46
N HIS B 198 16.29 3.75 7.77
CA HIS B 198 15.14 3.66 8.64
C HIS B 198 15.62 4.14 10.00
N GLN B 199 14.71 4.55 10.88
CA GLN B 199 15.14 5.04 12.18
C GLN B 199 15.56 3.91 13.12
N GLY B 200 15.32 2.67 12.72
CA GLY B 200 15.73 1.53 13.53
C GLY B 200 17.20 1.28 13.31
N LEU B 201 17.67 1.56 12.11
CA LEU B 201 19.06 1.37 11.73
C LEU B 201 19.95 2.52 12.19
N SER B 202 21.06 2.18 12.83
CA SER B 202 22.01 3.19 13.30
C SER B 202 22.69 3.79 12.08
N SER B 203 22.88 2.94 11.07
CA SER B 203 23.53 3.33 9.82
C SER B 203 22.80 2.66 8.67
N PRO B 204 22.78 3.30 7.49
CA PRO B 204 22.12 2.71 6.32
C PRO B 204 22.70 1.34 6.06
N VAL B 205 21.83 0.35 5.97
CA VAL B 205 22.26 -1.01 5.73
C VAL B 205 22.29 -1.25 4.23
N THR B 206 23.49 -1.41 3.67
CA THR B 206 23.62 -1.68 2.25
C THR B 206 23.75 -3.17 1.99
N LYS B 207 22.87 -3.70 1.17
CA LYS B 207 22.90 -5.11 0.81
C LYS B 207 23.18 -5.17 -0.68
N SER B 208 24.03 -6.09 -1.10
CA SER B 208 24.39 -6.19 -2.50
C SER B 208 24.76 -7.58 -2.97
N PHE B 209 24.94 -7.71 -4.28
CA PHE B 209 25.34 -8.96 -4.91
C PHE B 209 26.15 -8.59 -6.14
N ASN B 210 27.05 -9.48 -6.52
CA ASN B 210 27.89 -9.29 -7.68
C ASN B 210 27.38 -10.20 -8.75
N ARG B 211 27.13 -9.65 -9.93
CA ARG B 211 26.65 -10.41 -11.05
C ARG B 211 27.64 -11.56 -11.31
N GLY B 212 27.22 -12.78 -10.99
CA GLY B 212 28.07 -13.95 -11.17
C GLY B 212 28.22 -14.86 -9.95
#